data_6YXT
#
_entry.id   6YXT
#
_cell.length_a   66.450
_cell.length_b   68.000
_cell.length_c   105.110
_cell.angle_alpha   90.000
_cell.angle_beta   90.000
_cell.angle_gamma   90.000
#
_symmetry.space_group_name_H-M   'P 21 21 21'
#
loop_
_entity.id
_entity.type
_entity.pdbx_description
1 polymer 'Choline kinase'
2 non-polymer 'MAGNESIUM ION'
3 non-polymer "ADENOSINE-5'-DIPHOSPHATE"
4 non-polymer 1,2-ETHANEDIOL
5 water water
#
_entity_poly.entity_id   1
_entity_poly.type   'polypeptide(L)'
_entity_poly.pdbx_seq_one_letter_code
;MGSSHHHHHHSSGENLYFQGSKLTDPLYIKKICLEKVHDWSRCNEDDVCVNQILSGLTNQLFEVSIKEDTAIEYRITRRH
VLFRIYGKDVDALYNPLSEFEVYKTMSKYRIAPLLLNTFDGGRIEEWLYGDPLSIDDLKNKSILVGIANVLGKFHTLSRK
RHLPEHWDKTPCVFKMMDRWRLAVSNYKNLDKVTLDINKYIQESHKFLKFIKIYTQIENIANDIVFCHNDLQENNIMNTN
KCLRLIDFEYSGYNFLSADIANFFIETTIDYSYNAYPFFIINKKNYISYESRILFVTTYLSKYLDDSTAASDQDIIDQFL
EAIEVQALGLHLIWAFWSIIRGYQTKSYNEFDFFLYAKERLKMYDEQKQYLMSKNIIKDYDD
;
_entity_poly.pdbx_strand_id   A
#
loop_
_chem_comp.id
_chem_comp.type
_chem_comp.name
_chem_comp.formula
ADP non-polymer ADENOSINE-5'-DIPHOSPHATE 'C10 H15 N5 O10 P2'
EDO non-polymer 1,2-ETHANEDIOL 'C2 H6 O2'
MG non-polymer 'MAGNESIUM ION' 'Mg 2'
#
# COMPACT_ATOMS: atom_id res chain seq x y z
N THR A 24 1.68 20.15 -14.85
CA THR A 24 2.38 19.79 -16.08
C THR A 24 3.43 20.85 -16.42
N ASP A 25 3.11 22.11 -16.13
CA ASP A 25 4.02 23.21 -16.41
C ASP A 25 5.20 23.16 -15.44
N PRO A 26 6.44 23.05 -15.92
CA PRO A 26 7.57 22.99 -14.98
C PRO A 26 7.86 24.32 -14.31
N LEU A 27 7.74 25.44 -15.05
CA LEU A 27 8.06 26.73 -14.47
C LEU A 27 7.09 27.11 -13.35
N TYR A 28 5.83 26.68 -13.45
CA TYR A 28 4.87 26.97 -12.38
C TYR A 28 5.22 26.20 -11.12
N ILE A 29 5.70 24.96 -11.27
CA ILE A 29 6.12 24.17 -10.11
C ILE A 29 7.26 24.86 -9.38
N LYS A 30 8.24 25.37 -10.14
CA LYS A 30 9.34 26.11 -9.52
C LYS A 30 8.83 27.34 -8.79
N LYS A 31 7.90 28.08 -9.41
CA LYS A 31 7.38 29.30 -8.80
C LYS A 31 6.63 29.00 -7.51
N ILE A 32 5.95 27.86 -7.44
CA ILE A 32 5.23 27.50 -6.21
C ILE A 32 6.21 27.10 -5.11
N CYS A 33 7.20 26.26 -5.47
CA CYS A 33 8.15 25.78 -4.47
C CYS A 33 9.02 26.92 -3.94
N LEU A 34 9.43 27.84 -4.81
CA LEU A 34 10.19 29.00 -4.36
C LEU A 34 9.39 29.84 -3.37
N GLU A 35 8.06 29.82 -3.49
CA GLU A 35 7.19 30.60 -2.64
C GLU A 35 6.76 29.85 -1.38
N LYS A 36 6.66 28.52 -1.45
CA LYS A 36 6.06 27.74 -0.37
C LYS A 36 7.05 26.85 0.38
N VAL A 37 8.32 26.82 -0.03
CA VAL A 37 9.36 26.13 0.72
C VAL A 37 10.21 27.19 1.41
N HIS A 38 10.42 27.02 2.71
CA HIS A 38 11.07 28.07 3.50
C HIS A 38 12.52 28.27 3.08
N ASP A 39 12.92 29.54 3.02
CA ASP A 39 14.27 29.98 2.66
C ASP A 39 14.66 29.57 1.24
N TRP A 40 13.72 28.97 0.50
CA TRP A 40 13.91 28.84 -0.94
C TRP A 40 13.65 30.15 -1.67
N SER A 41 13.17 31.18 -0.95
CA SER A 41 13.00 32.51 -1.53
C SER A 41 14.33 33.12 -1.93
N ARG A 42 15.45 32.67 -1.35
CA ARG A 42 16.75 33.16 -1.77
C ARG A 42 17.05 32.76 -3.21
N CYS A 43 16.51 31.65 -3.68
CA CYS A 43 16.77 31.14 -5.01
C CYS A 43 15.76 31.67 -6.00
N ASN A 44 16.02 31.44 -7.28
CA ASN A 44 15.12 31.80 -8.37
C ASN A 44 14.81 30.56 -9.19
N GLU A 45 14.05 30.76 -10.28
CA GLU A 45 13.59 29.62 -11.08
C GLU A 45 14.75 28.87 -11.72
N ASP A 46 15.85 29.55 -12.02
CA ASP A 46 17.01 28.92 -12.65
C ASP A 46 17.95 28.27 -11.64
N ASP A 47 17.57 28.21 -10.38
CA ASP A 47 18.26 27.39 -9.39
C ASP A 47 17.48 26.13 -9.03
N VAL A 48 16.31 25.93 -9.61
CA VAL A 48 15.40 24.86 -9.24
C VAL A 48 15.37 23.83 -10.36
N CYS A 49 15.38 22.56 -9.99
CA CYS A 49 15.28 21.44 -10.92
C CYS A 49 14.00 20.67 -10.64
N VAL A 50 13.22 20.42 -11.68
CA VAL A 50 11.97 19.67 -11.58
C VAL A 50 12.13 18.37 -12.36
N ASN A 51 11.89 17.24 -11.69
CA ASN A 51 12.02 15.93 -12.30
C ASN A 51 10.82 15.09 -11.90
N GLN A 52 9.97 14.76 -12.88
CA GLN A 52 8.86 13.86 -12.60
C GLN A 52 9.38 12.46 -12.32
N ILE A 53 8.79 11.82 -11.32
CA ILE A 53 9.15 10.46 -10.94
C ILE A 53 7.99 9.54 -11.28
N LEU A 54 8.31 8.29 -11.57
CA LEU A 54 7.29 7.32 -11.95
C LEU A 54 6.38 7.03 -10.77
N SER A 55 5.09 6.84 -11.05
CA SER A 55 4.11 6.54 -10.03
C SER A 55 2.90 5.87 -10.67
N GLY A 56 1.71 6.24 -10.23
CA GLY A 56 0.48 5.94 -10.91
C GLY A 56 0.00 7.12 -11.73
N LEU A 57 -1.31 7.19 -11.95
CA LEU A 57 -1.91 8.34 -12.58
C LEU A 57 -2.81 9.15 -11.66
N THR A 58 -3.14 8.65 -10.47
CA THR A 58 -3.72 9.51 -9.44
C THR A 58 -2.68 10.45 -8.84
N ASN A 59 -1.44 10.37 -9.30
CA ASN A 59 -0.33 11.16 -8.80
C ASN A 59 0.39 11.83 -9.95
N GLN A 60 0.80 13.07 -9.75
CA GLN A 60 1.78 13.75 -10.60
C GLN A 60 2.91 14.16 -9.66
N LEU A 61 3.72 13.18 -9.29
CA LEU A 61 4.79 13.38 -8.31
C LEU A 61 6.06 13.86 -9.00
N PHE A 62 6.67 14.89 -8.43
CA PHE A 62 7.90 15.46 -8.96
C PHE A 62 8.94 15.54 -7.85
N GLU A 63 10.20 15.33 -8.23
CA GLU A 63 11.33 15.59 -7.35
C GLU A 63 11.85 17.00 -7.65
N VAL A 64 11.54 17.94 -6.77
CA VAL A 64 11.94 19.33 -6.93
C VAL A 64 13.16 19.58 -6.04
N SER A 65 14.21 20.15 -6.62
CA SER A 65 15.46 20.33 -5.90
C SER A 65 16.08 21.67 -6.27
N ILE A 66 17.04 22.09 -5.45
CA ILE A 66 17.87 23.25 -5.72
C ILE A 66 19.23 22.74 -6.15
N LYS A 67 19.79 23.32 -7.21
CA LYS A 67 21.06 22.86 -7.75
C LYS A 67 22.14 22.89 -6.67
N GLU A 68 22.86 21.77 -6.54
CA GLU A 68 23.76 21.58 -5.41
C GLU A 68 24.78 22.69 -5.28
N ASP A 69 25.27 23.22 -6.41
CA ASP A 69 26.22 24.32 -6.35
C ASP A 69 25.61 25.55 -5.69
N THR A 70 24.41 25.94 -6.12
CA THR A 70 23.71 27.04 -5.49
C THR A 70 23.31 26.70 -4.06
N ALA A 71 23.05 25.41 -3.77
CA ALA A 71 22.51 25.03 -2.48
C ALA A 71 23.52 25.21 -1.36
N ILE A 72 24.81 25.13 -1.65
CA ILE A 72 25.81 25.26 -0.59
C ILE A 72 26.31 26.69 -0.43
N GLU A 73 26.41 27.46 -1.52
CA GLU A 73 26.81 28.85 -1.38
C GLU A 73 25.70 29.68 -0.75
N TYR A 74 24.44 29.38 -1.08
CA TYR A 74 23.31 29.96 -0.34
C TYR A 74 23.08 29.24 0.97
N ARG A 75 23.67 28.06 1.14
CA ARG A 75 23.59 27.27 2.37
C ARG A 75 22.16 26.78 2.63
N ILE A 76 21.56 26.21 1.59
CA ILE A 76 20.23 25.60 1.71
C ILE A 76 20.38 24.20 2.30
N THR A 77 19.66 23.95 3.39
CA THR A 77 19.75 22.65 4.06
C THR A 77 18.72 21.65 3.56
N ARG A 78 17.58 22.11 3.06
CA ARG A 78 16.57 21.24 2.47
C ARG A 78 16.76 21.27 0.96
N ARG A 79 17.50 20.29 0.44
CA ARG A 79 17.83 20.29 -0.98
CA ARG A 79 17.83 20.27 -0.98
C ARG A 79 16.64 19.84 -1.84
N HIS A 80 15.86 18.87 -1.38
CA HIS A 80 14.78 18.31 -2.17
C HIS A 80 13.46 18.37 -1.42
N VAL A 81 12.36 18.31 -2.19
CA VAL A 81 11.01 18.17 -1.65
C VAL A 81 10.22 17.27 -2.59
N LEU A 82 9.16 16.68 -2.05
CA LEU A 82 8.22 15.89 -2.85
C LEU A 82 7.06 16.80 -3.24
N PHE A 83 6.86 16.98 -4.55
CA PHE A 83 5.80 17.81 -5.09
C PHE A 83 4.70 16.90 -5.60
N ARG A 84 3.54 16.94 -4.94
CA ARG A 84 2.43 16.04 -5.24
C ARG A 84 1.26 16.84 -5.78
N ILE A 85 0.84 16.51 -7.00
CA ILE A 85 -0.32 17.14 -7.64
C ILE A 85 -1.47 16.15 -7.59
N TYR A 86 -2.55 16.52 -6.89
CA TYR A 86 -3.71 15.65 -6.80
C TYR A 86 -4.30 15.42 -8.18
N GLY A 87 -4.46 14.15 -8.55
CA GLY A 87 -5.08 13.82 -9.81
C GLY A 87 -6.57 13.61 -9.68
N LYS A 88 -7.35 14.41 -10.42
CA LYS A 88 -8.79 14.23 -10.55
C LYS A 88 -9.50 14.31 -9.20
N ASP A 89 -10.71 13.78 -9.11
CA ASP A 89 -11.46 13.79 -7.86
C ASP A 89 -12.38 12.57 -7.78
N VAL A 90 -13.05 12.25 -8.89
CA VAL A 90 -13.81 11.02 -9.01
C VAL A 90 -13.29 10.13 -10.13
N ASP A 91 -12.30 10.60 -10.88
CA ASP A 91 -11.51 9.71 -11.72
C ASP A 91 -10.33 9.12 -10.97
N ALA A 92 -10.04 9.65 -9.77
CA ALA A 92 -9.26 8.95 -8.74
C ALA A 92 -10.20 8.24 -7.78
N LEU A 93 -11.22 7.59 -8.34
CA LEU A 93 -12.34 6.94 -7.64
C LEU A 93 -11.87 5.84 -6.67
N TYR A 94 -11.02 6.19 -5.70
CA TYR A 94 -10.48 5.17 -4.80
C TYR A 94 -10.60 5.62 -3.36
N ASN A 95 -9.95 6.72 -3.02
CA ASN A 95 -10.15 7.40 -1.75
C ASN A 95 -11.02 8.61 -2.02
N PRO A 96 -11.47 9.34 -0.99
CA PRO A 96 -12.13 10.62 -1.26
C PRO A 96 -11.22 11.79 -0.95
N LEU A 97 -11.70 12.71 -0.12
CA LEU A 97 -10.85 13.72 0.48
C LEU A 97 -10.35 13.31 1.86
N SER A 98 -10.81 12.15 2.36
CA SER A 98 -10.32 11.62 3.63
C SER A 98 -8.85 11.25 3.57
N GLU A 99 -8.28 11.13 2.38
CA GLU A 99 -6.85 10.83 2.24
C GLU A 99 -6.01 11.89 2.94
N PHE A 100 -6.33 13.16 2.72
CA PHE A 100 -5.53 14.24 3.28
C PHE A 100 -5.66 14.31 4.80
N GLU A 101 -6.86 14.08 5.33
CA GLU A 101 -7.05 14.10 6.77
C GLU A 101 -6.30 12.96 7.44
N VAL A 102 -6.28 11.78 6.81
CA VAL A 102 -5.51 10.66 7.34
C VAL A 102 -4.02 10.93 7.22
N TYR A 103 -3.59 11.47 6.08
CA TYR A 103 -2.17 11.75 5.89
C TYR A 103 -1.67 12.78 6.89
N LYS A 104 -2.47 13.81 7.17
CA LYS A 104 -2.07 14.83 8.14
C LYS A 104 -1.87 14.22 9.51
N THR A 105 -2.71 13.25 9.88
CA THR A 105 -2.53 12.56 11.16
C THR A 105 -1.25 11.74 11.15
N MET A 106 -1.01 10.97 10.10
CA MET A 106 0.22 10.20 9.99
C MET A 106 1.44 11.12 9.94
N SER A 107 1.31 12.28 9.32
CA SER A 107 2.41 13.23 9.28
C SER A 107 2.72 13.79 10.67
N LYS A 108 1.68 14.06 11.46
CA LYS A 108 1.88 14.65 12.78
C LYS A 108 2.62 13.70 13.71
N TYR A 109 2.34 12.39 13.60
CA TYR A 109 2.97 11.39 14.44
C TYR A 109 4.27 10.85 13.84
N ARG A 110 4.84 11.56 12.85
CA ARG A 110 6.12 11.20 12.25
C ARG A 110 6.12 9.80 11.65
N ILE A 111 4.95 9.33 11.21
CA ILE A 111 4.85 8.03 10.55
C ILE A 111 4.98 8.18 9.04
N ALA A 112 4.28 9.15 8.48
CA ALA A 112 4.36 9.45 7.05
C ALA A 112 5.39 10.55 6.81
N PRO A 113 5.81 10.75 5.56
CA PRO A 113 6.67 11.90 5.25
C PRO A 113 6.01 13.20 5.72
N LEU A 114 6.83 14.06 6.33
CA LEU A 114 6.31 15.29 6.93
C LEU A 114 5.67 16.18 5.87
N LEU A 115 4.42 16.58 6.13
CA LEU A 115 3.79 17.58 5.29
C LEU A 115 4.49 18.92 5.50
N LEU A 116 4.87 19.56 4.40
CA LEU A 116 5.57 20.83 4.46
C LEU A 116 4.65 22.03 4.19
N ASN A 117 3.91 21.98 3.09
CA ASN A 117 2.98 23.05 2.75
C ASN A 117 1.95 22.49 1.77
N THR A 118 0.96 23.31 1.47
CA THR A 118 -0.11 22.94 0.54
C THR A 118 -0.33 24.06 -0.47
N PHE A 119 -0.93 23.68 -1.60
CA PHE A 119 -1.26 24.64 -2.64
C PHE A 119 -2.54 24.20 -3.32
N ASP A 120 -3.03 25.04 -4.22
CA ASP A 120 -4.25 24.76 -4.97
C ASP A 120 -3.99 23.63 -5.95
N GLY A 121 -4.41 22.42 -5.60
CA GLY A 121 -4.26 21.26 -6.46
C GLY A 121 -3.36 20.17 -5.93
N GLY A 122 -2.64 20.40 -4.84
CA GLY A 122 -1.75 19.37 -4.33
C GLY A 122 -1.06 19.82 -3.06
N ARG A 123 0.05 19.16 -2.74
CA ARG A 123 0.79 19.45 -1.53
C ARG A 123 2.27 19.18 -1.75
N ILE A 124 3.07 19.60 -0.79
CA ILE A 124 4.52 19.44 -0.80
C ILE A 124 4.92 18.66 0.45
N GLU A 125 5.69 17.59 0.25
CA GLU A 125 6.05 16.69 1.33
C GLU A 125 7.56 16.65 1.50
N GLU A 126 7.99 16.22 2.69
CA GLU A 126 9.41 16.05 2.97
C GLU A 126 10.01 14.99 2.06
N TRP A 127 11.16 15.29 1.47
CA TRP A 127 11.82 14.35 0.58
C TRP A 127 12.63 13.35 1.40
N LEU A 128 12.36 12.07 1.21
CA LEU A 128 13.08 11.01 1.90
C LEU A 128 14.20 10.50 0.98
N TYR A 129 15.43 10.62 1.44
CA TYR A 129 16.57 10.17 0.67
C TYR A 129 16.67 8.66 0.68
N GLY A 130 17.20 8.10 -0.40
CA GLY A 130 17.29 6.67 -0.57
C GLY A 130 16.37 6.18 -1.66
N ASP A 131 16.16 4.86 -1.65
CA ASP A 131 15.36 4.20 -2.68
C ASP A 131 14.34 3.28 -2.03
N PRO A 132 13.22 3.03 -2.70
CA PRO A 132 12.29 2.00 -2.22
C PRO A 132 12.93 0.62 -2.27
N LEU A 133 12.33 -0.31 -1.54
CA LEU A 133 12.85 -1.67 -1.51
C LEU A 133 12.59 -2.37 -2.84
N SER A 134 13.54 -3.20 -3.25
CA SER A 134 13.40 -3.98 -4.47
C SER A 134 12.69 -5.30 -4.17
N ILE A 135 12.33 -6.01 -5.24
CA ILE A 135 11.78 -7.35 -5.05
C ILE A 135 12.86 -8.30 -4.55
N ASP A 136 14.13 -8.00 -4.84
CA ASP A 136 15.21 -8.84 -4.36
C ASP A 136 15.50 -8.60 -2.88
N ASP A 137 15.29 -7.37 -2.40
CA ASP A 137 15.50 -7.08 -0.99
C ASP A 137 14.59 -7.90 -0.10
N LEU A 138 13.42 -8.32 -0.61
CA LEU A 138 12.50 -9.12 0.18
C LEU A 138 13.05 -10.51 0.47
N LYS A 139 14.09 -10.94 -0.25
CA LYS A 139 14.77 -12.19 0.06
C LYS A 139 15.83 -12.03 1.14
N ASN A 140 16.16 -10.79 1.51
CA ASN A 140 17.14 -10.54 2.57
C ASN A 140 16.48 -10.72 3.93
N LYS A 141 17.00 -11.64 4.73
CA LYS A 141 16.36 -11.97 6.01
C LYS A 141 16.42 -10.81 6.98
N SER A 142 17.51 -10.04 6.97
CA SER A 142 17.59 -8.88 7.85
C SER A 142 16.62 -7.79 7.41
N ILE A 143 16.36 -7.68 6.11
CA ILE A 143 15.36 -6.73 5.63
C ILE A 143 13.98 -7.16 6.08
N LEU A 144 13.66 -8.45 5.96
CA LEU A 144 12.36 -8.94 6.39
C LEU A 144 12.16 -8.71 7.88
N VAL A 145 13.20 -8.91 8.68
CA VAL A 145 13.10 -8.65 10.11
C VAL A 145 12.90 -7.16 10.37
N GLY A 146 13.62 -6.30 9.65
CA GLY A 146 13.43 -4.87 9.79
C GLY A 146 12.04 -4.43 9.39
N ILE A 147 11.44 -5.09 8.40
CA ILE A 147 10.07 -4.75 8.00
C ILE A 147 9.08 -5.15 9.08
N ALA A 148 9.26 -6.35 9.66
CA ALA A 148 8.37 -6.79 10.73
C ALA A 148 8.49 -5.92 11.96
N ASN A 149 9.69 -5.41 12.26
CA ASN A 149 9.86 -4.50 13.37
C ASN A 149 9.09 -3.21 13.16
N VAL A 150 9.25 -2.61 11.98
CA VAL A 150 8.54 -1.37 11.66
C VAL A 150 7.03 -1.60 11.67
N LEU A 151 6.59 -2.72 11.12
CA LEU A 151 5.16 -2.99 11.03
C LEU A 151 4.55 -3.23 12.40
N GLY A 152 5.25 -3.98 13.26
CA GLY A 152 4.74 -4.19 14.61
C GLY A 152 4.61 -2.91 15.40
N LYS A 153 5.66 -2.09 15.37
CA LYS A 153 5.61 -0.79 16.04
C LYS A 153 4.54 0.11 15.41
N PHE A 154 4.35 0.00 14.10
CA PHE A 154 3.35 0.84 13.43
C PHE A 154 1.93 0.45 13.83
N HIS A 155 1.66 -0.85 13.97
CA HIS A 155 0.32 -1.31 14.27
C HIS A 155 -0.10 -1.04 15.71
N THR A 156 0.82 -0.60 16.57
CA THR A 156 0.47 -0.24 17.94
C THR A 156 -0.04 1.19 18.07
N LEU A 157 -0.16 1.92 16.96
CA LEU A 157 -0.50 3.34 17.04
C LEU A 157 -1.93 3.55 17.53
N SER A 158 -2.85 2.69 17.10
CA SER A 158 -4.26 2.90 17.45
C SER A 158 -4.50 2.79 18.96
N ARG A 159 -3.66 2.02 19.66
CA ARG A 159 -3.83 1.84 21.10
C ARG A 159 -2.86 2.66 21.93
N LYS A 160 -1.77 3.14 21.35
CA LYS A 160 -0.79 3.93 22.10
C LYS A 160 -0.97 5.44 21.93
N ARG A 161 -1.70 5.87 20.90
CA ARG A 161 -2.00 7.28 20.71
C ARG A 161 -3.48 7.43 20.35
N HIS A 162 -3.94 8.68 20.35
CA HIS A 162 -5.34 9.00 20.15
C HIS A 162 -5.59 9.34 18.68
N LEU A 163 -6.37 8.50 17.99
CA LEU A 163 -6.73 8.79 16.62
C LEU A 163 -8.08 9.50 16.57
N PRO A 164 -8.33 10.29 15.53
CA PRO A 164 -9.58 11.05 15.45
C PRO A 164 -10.81 10.18 15.66
N GLU A 165 -11.68 10.62 16.57
CA GLU A 165 -12.80 9.80 17.04
C GLU A 165 -13.86 9.57 15.97
N HIS A 166 -13.91 10.42 14.94
CA HIS A 166 -14.95 10.33 13.93
C HIS A 166 -14.56 9.43 12.76
N TRP A 167 -13.37 8.83 12.78
CA TRP A 167 -12.96 7.96 11.69
C TRP A 167 -13.84 6.71 11.64
N ASP A 168 -14.13 6.25 10.43
CA ASP A 168 -14.89 5.02 10.25
C ASP A 168 -14.05 3.83 10.67
N LYS A 169 -14.48 3.13 11.71
CA LYS A 169 -13.76 1.96 12.21
C LYS A 169 -14.11 0.68 11.47
N THR A 170 -14.89 0.77 10.40
CA THR A 170 -15.16 -0.39 9.57
C THR A 170 -13.86 -0.89 8.96
N PRO A 171 -13.53 -2.17 9.08
CA PRO A 171 -12.30 -2.69 8.46
C PRO A 171 -12.30 -2.43 6.96
N CYS A 172 -11.18 -1.90 6.47
CA CYS A 172 -11.09 -1.51 5.06
C CYS A 172 -11.18 -2.70 4.11
N VAL A 173 -11.03 -3.93 4.60
CA VAL A 173 -11.26 -5.09 3.74
C VAL A 173 -12.70 -5.11 3.27
N PHE A 174 -13.63 -4.63 4.10
CA PHE A 174 -15.02 -4.52 3.68
C PHE A 174 -15.22 -3.33 2.75
N LYS A 175 -14.66 -2.18 3.11
CA LYS A 175 -14.89 -0.95 2.34
C LYS A 175 -14.27 -1.06 0.94
N MET A 176 -13.02 -1.51 0.86
CA MET A 176 -12.36 -1.64 -0.44
C MET A 176 -13.05 -2.68 -1.31
N MET A 177 -13.45 -3.80 -0.71
CA MET A 177 -14.17 -4.82 -1.47
C MET A 177 -15.50 -4.29 -1.98
N ASP A 178 -16.24 -3.57 -1.14
CA ASP A 178 -17.56 -3.08 -1.53
C ASP A 178 -17.46 -1.99 -2.59
N ARG A 179 -16.68 -0.94 -2.32
CA ARG A 179 -16.68 0.23 -3.18
C ARG A 179 -16.00 -0.03 -4.53
N TRP A 180 -15.23 -1.11 -4.65
CA TRP A 180 -14.61 -1.45 -5.93
C TRP A 180 -15.32 -2.59 -6.65
N ARG A 181 -16.05 -3.44 -5.93
CA ARG A 181 -16.92 -4.41 -6.59
C ARG A 181 -18.12 -3.73 -7.23
N LEU A 182 -18.60 -2.64 -6.62
CA LEU A 182 -19.72 -1.91 -7.19
C LEU A 182 -19.32 -1.18 -8.48
N ALA A 183 -18.07 -0.70 -8.53
CA ALA A 183 -17.60 -0.03 -9.75
C ALA A 183 -17.46 -1.01 -10.90
N VAL A 184 -16.92 -2.20 -10.64
CA VAL A 184 -16.80 -3.22 -11.69
C VAL A 184 -18.18 -3.72 -12.11
N SER A 185 -19.18 -3.61 -11.22
CA SER A 185 -20.51 -4.09 -11.53
C SER A 185 -21.11 -3.35 -12.72
N ASN A 186 -20.83 -2.05 -12.84
CA ASN A 186 -21.48 -1.20 -13.83
C ASN A 186 -20.74 -1.15 -15.16
N TYR A 187 -19.84 -2.09 -15.43
CA TYR A 187 -19.02 -2.05 -16.63
C TYR A 187 -19.62 -2.94 -17.71
N LYS A 188 -19.85 -2.35 -18.88
CA LYS A 188 -20.46 -3.06 -20.00
C LYS A 188 -19.55 -4.18 -20.47
N ASN A 189 -20.11 -5.40 -20.55
CA ASN A 189 -19.51 -6.58 -21.16
C ASN A 189 -17.99 -6.59 -21.06
N LEU A 190 -17.46 -7.13 -19.95
CA LEU A 190 -16.02 -7.11 -19.72
C LEU A 190 -15.29 -7.89 -20.81
N ASP A 191 -15.82 -9.05 -21.17
CA ASP A 191 -15.15 -10.01 -22.04
C ASP A 191 -13.75 -10.31 -21.53
N LYS A 192 -13.72 -10.74 -20.28
CA LYS A 192 -12.50 -11.16 -19.61
C LYS A 192 -11.87 -12.33 -20.37
N VAL A 193 -10.72 -12.77 -19.89
CA VAL A 193 -10.26 -14.11 -20.23
C VAL A 193 -10.86 -15.08 -19.23
N THR A 194 -11.57 -16.10 -19.72
CA THR A 194 -12.45 -17.00 -18.95
C THR A 194 -13.71 -16.27 -18.47
N LEU A 195 -14.16 -15.35 -19.33
CA LEU A 195 -15.43 -14.63 -19.32
C LEU A 195 -15.94 -14.13 -17.97
N ASP A 196 -16.37 -15.03 -17.07
CA ASP A 196 -17.33 -14.65 -16.04
C ASP A 196 -16.76 -13.71 -14.98
N ILE A 197 -16.90 -12.40 -15.21
CA ILE A 197 -16.55 -11.44 -14.17
C ILE A 197 -17.57 -11.50 -13.04
N ASN A 198 -18.82 -11.85 -13.35
CA ASN A 198 -19.85 -11.95 -12.32
C ASN A 198 -19.64 -13.16 -11.41
N LYS A 199 -18.89 -14.16 -11.86
CA LYS A 199 -18.53 -15.26 -10.98
C LYS A 199 -17.70 -14.76 -9.81
N TYR A 200 -16.69 -13.94 -10.08
CA TYR A 200 -15.87 -13.37 -9.02
C TYR A 200 -16.56 -12.24 -8.28
N ILE A 201 -17.59 -11.62 -8.88
CA ILE A 201 -18.42 -10.70 -8.13
C ILE A 201 -19.23 -11.45 -7.08
N GLN A 202 -19.75 -12.63 -7.43
CA GLN A 202 -20.46 -13.46 -6.46
C GLN A 202 -19.50 -14.03 -5.42
N GLU A 203 -18.29 -14.40 -5.85
CA GLU A 203 -17.28 -14.86 -4.90
C GLU A 203 -16.92 -13.76 -3.91
N SER A 204 -17.01 -12.49 -4.33
CA SER A 204 -16.71 -11.39 -3.43
C SER A 204 -17.70 -11.34 -2.27
N HIS A 205 -18.97 -11.62 -2.55
CA HIS A 205 -19.97 -11.65 -1.48
C HIS A 205 -19.71 -12.81 -0.52
N LYS A 206 -19.23 -13.94 -1.05
CA LYS A 206 -19.01 -15.11 -0.20
C LYS A 206 -17.83 -14.89 0.74
N PHE A 207 -16.79 -14.18 0.29
CA PHE A 207 -15.67 -13.90 1.17
C PHE A 207 -16.07 -12.97 2.30
N LEU A 208 -16.82 -11.91 1.98
CA LEU A 208 -17.21 -10.95 3.01
C LEU A 208 -18.15 -11.59 4.02
N LYS A 209 -19.08 -12.44 3.56
CA LYS A 209 -19.93 -13.16 4.49
C LYS A 209 -19.14 -14.15 5.33
N PHE A 210 -18.14 -14.79 4.72
CA PHE A 210 -17.30 -15.73 5.47
C PHE A 210 -16.41 -14.99 6.47
N ILE A 211 -15.73 -13.94 6.01
CA ILE A 211 -14.76 -13.26 6.86
C ILE A 211 -15.41 -12.56 8.03
N LYS A 212 -16.70 -12.24 7.94
CA LYS A 212 -17.40 -11.71 9.10
C LYS A 212 -17.46 -12.73 10.22
N ILE A 213 -17.70 -14.00 9.87
CA ILE A 213 -17.75 -15.06 10.87
C ILE A 213 -16.35 -15.44 11.33
N TYR A 214 -15.39 -15.46 10.40
CA TYR A 214 -14.06 -15.98 10.71
C TYR A 214 -13.31 -15.05 11.68
N THR A 215 -13.38 -13.75 11.45
CA THR A 215 -12.62 -12.81 12.26
C THR A 215 -13.14 -12.65 13.68
N GLN A 216 -14.23 -13.33 14.04
CA GLN A 216 -14.74 -13.28 15.40
C GLN A 216 -14.02 -14.26 16.32
N ILE A 217 -13.31 -15.24 15.76
CA ILE A 217 -12.49 -16.14 16.58
C ILE A 217 -11.38 -15.33 17.24
N GLU A 218 -11.20 -15.53 18.55
CA GLU A 218 -10.20 -14.79 19.29
C GLU A 218 -8.80 -15.09 18.76
N ASN A 219 -8.36 -14.32 17.78
CA ASN A 219 -7.04 -14.44 17.19
C ASN A 219 -6.37 -13.08 17.20
N ILE A 220 -5.09 -13.03 17.56
CA ILE A 220 -4.34 -11.78 17.53
C ILE A 220 -4.35 -11.20 16.13
N ALA A 221 -4.29 -12.06 15.11
CA ALA A 221 -4.30 -11.60 13.73
C ALA A 221 -5.62 -10.93 13.35
N ASN A 222 -6.68 -11.14 14.14
CA ASN A 222 -7.96 -10.50 13.89
C ASN A 222 -8.12 -9.18 14.62
N ASP A 223 -7.05 -8.67 15.26
CA ASP A 223 -7.11 -7.36 15.88
C ASP A 223 -7.33 -6.29 14.82
N ILE A 224 -8.25 -5.36 15.10
CA ILE A 224 -8.53 -4.25 14.20
C ILE A 224 -7.69 -3.06 14.64
N VAL A 225 -6.71 -2.70 13.81
CA VAL A 225 -5.82 -1.58 14.06
C VAL A 225 -5.82 -0.69 12.82
N PHE A 226 -5.06 0.40 12.90
CA PHE A 226 -4.88 1.28 11.75
C PHE A 226 -3.80 0.68 10.85
N CYS A 227 -4.18 0.31 9.63
CA CYS A 227 -3.31 -0.41 8.71
C CYS A 227 -2.97 0.43 7.49
N HIS A 228 -1.84 0.08 6.87
CA HIS A 228 -1.38 0.78 5.66
C HIS A 228 -2.24 0.42 4.46
N ASN A 229 -2.61 -0.85 4.33
CA ASN A 229 -3.51 -1.39 3.30
C ASN A 229 -2.89 -1.37 1.90
N ASP A 230 -1.62 -1.05 1.77
CA ASP A 230 -0.93 -1.14 0.48
C ASP A 230 0.54 -1.44 0.71
N LEU A 231 0.82 -2.48 1.49
CA LEU A 231 2.19 -2.86 1.84
C LEU A 231 2.81 -3.59 0.66
N GLN A 232 3.57 -2.86 -0.16
CA GLN A 232 4.41 -3.45 -1.19
C GLN A 232 5.79 -2.82 -1.13
N GLU A 233 6.73 -3.41 -1.87
CA GLU A 233 8.13 -3.02 -1.74
C GLU A 233 8.37 -1.58 -2.19
N ASN A 234 7.62 -1.11 -3.20
CA ASN A 234 7.78 0.24 -3.70
CA ASN A 234 7.81 0.24 -3.70
C ASN A 234 7.15 1.30 -2.80
N ASN A 235 6.61 0.89 -1.65
CA ASN A 235 6.07 1.82 -0.67
C ASN A 235 6.84 1.79 0.64
N ILE A 236 7.97 1.10 0.67
CA ILE A 236 8.86 1.05 1.84
C ILE A 236 10.18 1.66 1.41
N MET A 237 10.52 2.81 1.98
CA MET A 237 11.74 3.51 1.62
C MET A 237 12.91 2.98 2.43
N ASN A 238 14.05 2.78 1.76
CA ASN A 238 15.27 2.35 2.43
C ASN A 238 16.17 3.57 2.58
N THR A 239 15.89 4.35 3.62
CA THR A 239 16.69 5.54 3.91
C THR A 239 18.06 5.20 4.46
N ASN A 240 18.32 3.93 4.78
CA ASN A 240 19.53 3.46 5.45
C ASN A 240 19.62 4.02 6.87
N LYS A 241 19.06 5.21 7.09
CA LYS A 241 18.75 5.66 8.44
C LYS A 241 17.75 4.71 9.09
N CYS A 242 16.75 4.27 8.32
CA CYS A 242 15.71 3.35 8.78
C CYS A 242 14.87 2.95 7.57
N LEU A 243 13.81 2.19 7.83
CA LEU A 243 12.79 1.87 6.83
C LEU A 243 11.54 2.68 7.13
N ARG A 244 11.07 3.42 6.13
CA ARG A 244 9.94 4.32 6.30
C ARG A 244 8.83 3.98 5.31
N LEU A 245 7.59 4.19 5.76
CA LEU A 245 6.41 3.94 4.94
C LEU A 245 5.98 5.21 4.21
N ILE A 246 5.48 5.03 3.00
CA ILE A 246 4.92 6.12 2.19
C ILE A 246 3.63 5.62 1.56
N ASP A 247 2.95 6.52 0.85
CA ASP A 247 1.75 6.21 0.08
C ASP A 247 0.65 5.67 0.99
N PHE A 248 -0.01 6.56 1.73
CA PHE A 248 -1.03 6.19 2.70
C PHE A 248 -2.44 6.39 2.19
N GLU A 249 -2.62 6.52 0.87
CA GLU A 249 -3.91 6.91 0.33
C GLU A 249 -5.01 5.90 0.61
N TYR A 250 -4.66 4.64 0.89
CA TYR A 250 -5.64 3.61 1.21
C TYR A 250 -5.63 3.20 2.68
N SER A 251 -4.81 3.85 3.51
CA SER A 251 -4.67 3.43 4.89
C SER A 251 -5.96 3.65 5.67
N GLY A 252 -6.13 2.85 6.72
CA GLY A 252 -7.33 2.94 7.54
C GLY A 252 -7.40 1.76 8.48
N TYR A 253 -8.55 1.65 9.13
CA TYR A 253 -8.77 0.58 10.09
C TYR A 253 -8.99 -0.74 9.35
N ASN A 254 -8.33 -1.80 9.80
CA ASN A 254 -8.42 -3.09 9.15
C ASN A 254 -7.86 -4.15 10.09
N PHE A 255 -8.12 -5.42 9.76
CA PHE A 255 -7.46 -6.52 10.43
C PHE A 255 -5.98 -6.47 10.12
N LEU A 256 -5.14 -6.52 11.17
CA LEU A 256 -3.71 -6.37 10.95
C LEU A 256 -3.15 -7.49 10.10
N SER A 257 -3.79 -8.66 10.11
CA SER A 257 -3.36 -9.76 9.25
C SER A 257 -3.54 -9.43 7.78
N ALA A 258 -4.42 -8.49 7.44
CA ALA A 258 -4.57 -8.07 6.05
C ALA A 258 -3.36 -7.27 5.57
N ASP A 259 -2.73 -6.51 6.47
CA ASP A 259 -1.52 -5.80 6.10
C ASP A 259 -0.37 -6.76 5.83
N ILE A 260 -0.24 -7.80 6.65
CA ILE A 260 0.84 -8.76 6.47
C ILE A 260 0.58 -9.64 5.26
N ALA A 261 -0.67 -10.07 5.07
CA ALA A 261 -1.01 -10.88 3.90
C ALA A 261 -0.68 -10.14 2.61
N ASN A 262 -0.93 -8.83 2.58
CA ASN A 262 -0.57 -8.04 1.41
C ASN A 262 0.92 -8.05 1.16
N PHE A 263 1.72 -7.95 2.23
CA PHE A 263 3.17 -7.99 2.08
C PHE A 263 3.64 -9.37 1.65
N PHE A 264 3.03 -10.43 2.20
CA PHE A 264 3.41 -11.79 1.83
C PHE A 264 3.10 -12.05 0.36
N ILE A 265 1.93 -11.62 -0.11
CA ILE A 265 1.59 -11.77 -1.53
C ILE A 265 2.60 -11.05 -2.40
N GLU A 266 3.01 -9.84 -1.99
CA GLU A 266 3.83 -8.99 -2.84
C GLU A 266 5.25 -9.50 -3.03
N THR A 267 5.67 -10.52 -2.27
CA THR A 267 6.97 -11.13 -2.51
C THR A 267 7.01 -11.91 -3.82
N THR A 268 5.87 -12.13 -4.46
CA THR A 268 5.78 -12.86 -5.71
C THR A 268 5.53 -11.98 -6.92
N ILE A 269 5.47 -10.66 -6.74
CA ILE A 269 5.15 -9.73 -7.81
C ILE A 269 6.29 -8.73 -7.97
N ASP A 270 6.87 -8.68 -9.16
CA ASP A 270 7.98 -7.78 -9.48
C ASP A 270 7.46 -6.73 -10.47
N TYR A 271 7.37 -5.48 -10.02
CA TYR A 271 6.85 -4.40 -10.84
C TYR A 271 7.92 -3.64 -11.62
N SER A 272 9.19 -3.95 -11.41
CA SER A 272 10.26 -3.21 -12.05
C SER A 272 10.64 -3.74 -13.42
N TYR A 273 10.00 -4.81 -13.89
CA TYR A 273 10.17 -5.26 -15.26
C TYR A 273 9.67 -4.16 -16.21
N ASN A 274 10.49 -3.83 -17.21
CA ASN A 274 10.29 -2.63 -18.01
C ASN A 274 9.80 -2.92 -19.43
N ALA A 275 9.41 -4.16 -19.71
CA ALA A 275 8.75 -4.49 -20.97
C ALA A 275 7.36 -5.04 -20.66
N TYR A 276 6.55 -5.20 -21.70
CA TYR A 276 5.20 -5.72 -21.50
C TYR A 276 5.27 -7.08 -20.81
N PRO A 277 4.36 -7.37 -19.85
CA PRO A 277 3.27 -6.51 -19.37
C PRO A 277 3.67 -5.62 -18.18
N PHE A 278 4.97 -5.40 -18.00
CA PHE A 278 5.53 -4.51 -17.00
C PHE A 278 5.37 -5.03 -15.58
N PHE A 279 5.26 -6.34 -15.43
CA PHE A 279 5.35 -7.00 -14.15
C PHE A 279 5.57 -8.49 -14.39
N ILE A 280 6.12 -9.16 -13.39
CA ILE A 280 6.40 -10.59 -13.44
C ILE A 280 5.85 -11.24 -12.18
N ILE A 281 5.14 -12.36 -12.35
CA ILE A 281 4.63 -13.14 -11.23
C ILE A 281 5.50 -14.39 -11.11
N ASN A 282 6.24 -14.50 -10.02
CA ASN A 282 7.04 -15.68 -9.70
C ASN A 282 6.48 -16.27 -8.41
N LYS A 283 5.48 -17.15 -8.55
CA LYS A 283 4.85 -17.74 -7.37
C LYS A 283 5.80 -18.62 -6.57
N LYS A 284 6.90 -19.06 -7.19
CA LYS A 284 7.89 -19.84 -6.46
C LYS A 284 8.71 -18.99 -5.49
N ASN A 285 8.68 -17.66 -5.65
CA ASN A 285 9.39 -16.75 -4.77
C ASN A 285 8.56 -16.33 -3.57
N TYR A 286 7.46 -17.02 -3.28
CA TYR A 286 6.67 -16.72 -2.10
C TYR A 286 7.53 -16.85 -0.86
N ILE A 287 7.33 -15.93 0.09
CA ILE A 287 8.12 -15.91 1.31
C ILE A 287 8.07 -17.28 1.97
N SER A 288 9.24 -17.82 2.31
CA SER A 288 9.33 -19.19 2.77
C SER A 288 8.62 -19.37 4.11
N TYR A 289 8.30 -20.63 4.42
CA TYR A 289 7.66 -20.94 5.69
C TYR A 289 8.52 -20.52 6.87
N GLU A 290 9.84 -20.75 6.77
CA GLU A 290 10.75 -20.31 7.82
C GLU A 290 10.74 -18.79 7.94
N SER A 291 10.75 -18.08 6.80
CA SER A 291 10.73 -16.63 6.84
C SER A 291 9.38 -16.10 7.34
N ARG A 292 8.29 -16.79 7.02
CA ARG A 292 6.99 -16.39 7.55
C ARG A 292 6.95 -16.51 9.06
N ILE A 293 7.52 -17.59 9.60
CA ILE A 293 7.59 -17.75 11.05
C ILE A 293 8.47 -16.66 11.65
N LEU A 294 9.62 -16.41 11.04
CA LEU A 294 10.52 -15.36 11.53
C LEU A 294 9.86 -13.99 11.46
N PHE A 295 9.12 -13.73 10.38
CA PHE A 295 8.41 -12.45 10.27
C PHE A 295 7.36 -12.31 11.36
N VAL A 296 6.54 -13.34 11.56
CA VAL A 296 5.50 -13.29 12.58
C VAL A 296 6.12 -13.24 13.97
N THR A 297 7.23 -13.97 14.17
CA THR A 297 7.94 -13.90 15.44
C THR A 297 8.42 -12.49 15.72
N THR A 298 9.08 -11.87 14.73
CA THR A 298 9.60 -10.52 14.92
C THR A 298 8.48 -9.50 15.04
N TYR A 299 7.39 -9.69 14.28
CA TYR A 299 6.27 -8.76 14.33
C TYR A 299 5.66 -8.72 15.73
N LEU A 300 5.30 -9.88 16.28
CA LEU A 300 4.70 -9.93 17.60
C LEU A 300 5.64 -9.46 18.69
N SER A 301 6.96 -9.54 18.45
CA SER A 301 7.92 -9.03 19.41
C SER A 301 7.83 -7.52 19.58
N LYS A 302 7.26 -6.81 18.61
CA LYS A 302 7.08 -5.37 18.69
C LYS A 302 5.61 -4.95 18.78
N TYR A 303 4.69 -5.80 18.34
CA TYR A 303 3.27 -5.45 18.42
C TYR A 303 2.73 -5.67 19.83
N LEU A 304 3.00 -6.84 20.41
CA LEU A 304 2.64 -7.08 21.80
C LEU A 304 3.53 -6.28 22.75
N ASP A 305 4.70 -5.84 22.28
CA ASP A 305 5.61 -4.96 23.01
C ASP A 305 6.05 -5.56 24.34
N ASP A 306 5.17 -5.56 25.33
CA ASP A 306 5.55 -6.03 26.66
C ASP A 306 5.79 -7.53 26.69
N SER A 307 4.77 -8.30 27.08
CA SER A 307 4.89 -9.75 27.22
C SER A 307 4.90 -10.40 25.83
N THR A 308 6.06 -10.28 25.17
CA THR A 308 6.25 -10.90 23.85
C THR A 308 6.35 -12.42 23.92
N ALA A 309 6.17 -13.01 25.11
CA ALA A 309 6.28 -14.46 25.27
C ALA A 309 5.21 -15.22 24.50
N ALA A 310 4.25 -14.53 23.88
CA ALA A 310 3.20 -15.19 23.13
C ALA A 310 3.71 -15.68 21.77
N SER A 311 5.02 -15.93 21.67
CA SER A 311 5.60 -16.57 20.50
C SER A 311 5.36 -18.08 20.54
N ASP A 312 4.26 -18.47 21.18
CA ASP A 312 3.79 -19.85 21.13
C ASP A 312 3.70 -20.30 19.69
N GLN A 313 4.15 -21.53 19.44
CA GLN A 313 4.05 -22.09 18.09
C GLN A 313 2.59 -22.22 17.67
N ASP A 314 1.71 -22.62 18.60
CA ASP A 314 0.30 -22.68 18.28
C ASP A 314 -0.24 -21.31 17.90
N ILE A 315 0.25 -20.25 18.55
CA ILE A 315 -0.16 -18.90 18.17
C ILE A 315 0.41 -18.53 16.79
N ILE A 316 1.60 -19.03 16.46
CA ILE A 316 2.22 -18.68 15.19
C ILE A 316 1.52 -19.37 14.03
N ASP A 317 1.29 -20.68 14.15
CA ASP A 317 0.54 -21.40 13.12
C ASP A 317 -0.84 -20.79 12.90
N GLN A 318 -1.33 -20.00 13.86
CA GLN A 318 -2.65 -19.39 13.81
C GLN A 318 -2.63 -18.01 13.17
N PHE A 319 -1.64 -17.18 13.54
CA PHE A 319 -1.35 -15.98 12.77
C PHE A 319 -1.22 -16.29 11.29
N LEU A 320 -0.42 -17.31 10.97
CA LEU A 320 -0.16 -17.67 9.58
C LEU A 320 -1.43 -18.13 8.88
N GLU A 321 -2.37 -18.73 9.60
CA GLU A 321 -3.62 -19.18 8.98
C GLU A 321 -4.50 -17.98 8.62
N ALA A 322 -4.71 -17.07 9.58
CA ALA A 322 -5.53 -15.90 9.31
C ALA A 322 -4.91 -15.02 8.23
N ILE A 323 -3.59 -15.02 8.12
CA ILE A 323 -2.93 -14.30 7.03
C ILE A 323 -3.35 -14.88 5.69
N GLU A 324 -3.30 -16.21 5.57
CA GLU A 324 -3.69 -16.85 4.31
C GLU A 324 -5.16 -16.65 4.01
N VAL A 325 -6.00 -16.47 5.03
CA VAL A 325 -7.42 -16.24 4.81
C VAL A 325 -7.65 -14.84 4.27
N GLN A 326 -6.97 -13.84 4.84
CA GLN A 326 -7.09 -12.47 4.34
C GLN A 326 -6.51 -12.35 2.93
N ALA A 327 -5.47 -13.12 2.62
CA ALA A 327 -4.91 -13.11 1.28
C ALA A 327 -5.94 -13.50 0.24
N LEU A 328 -6.89 -14.37 0.61
CA LEU A 328 -7.93 -14.79 -0.33
C LEU A 328 -8.73 -13.60 -0.82
N GLY A 329 -9.17 -12.73 0.10
CA GLY A 329 -9.96 -11.58 -0.30
C GLY A 329 -9.15 -10.46 -0.93
N LEU A 330 -7.86 -10.39 -0.61
CA LEU A 330 -7.02 -9.34 -1.18
C LEU A 330 -6.90 -9.50 -2.69
N HIS A 331 -6.87 -10.74 -3.18
CA HIS A 331 -6.78 -10.96 -4.61
C HIS A 331 -8.02 -10.45 -5.32
N LEU A 332 -9.19 -10.64 -4.71
CA LEU A 332 -10.42 -10.07 -5.28
C LEU A 332 -10.41 -8.55 -5.18
N ILE A 333 -9.90 -8.02 -4.07
CA ILE A 333 -9.89 -6.56 -3.88
C ILE A 333 -9.04 -5.88 -4.94
N TRP A 334 -7.83 -6.40 -5.15
CA TRP A 334 -6.90 -5.75 -6.07
C TRP A 334 -7.14 -6.14 -7.53
N ALA A 335 -7.89 -7.23 -7.78
CA ALA A 335 -8.33 -7.50 -9.13
C ALA A 335 -9.40 -6.50 -9.56
N PHE A 336 -10.34 -6.18 -8.66
CA PHE A 336 -11.31 -5.13 -8.94
C PHE A 336 -10.63 -3.80 -9.15
N TRP A 337 -9.65 -3.48 -8.29
CA TRP A 337 -8.89 -2.24 -8.43
C TRP A 337 -8.22 -2.16 -9.80
N SER A 338 -7.62 -3.26 -10.25
CA SER A 338 -6.95 -3.25 -11.55
C SER A 338 -7.92 -3.06 -12.69
N ILE A 339 -9.11 -3.66 -12.60
CA ILE A 339 -10.11 -3.54 -13.65
C ILE A 339 -10.55 -2.09 -13.81
N ILE A 340 -10.82 -1.42 -12.68
CA ILE A 340 -11.17 -0.01 -12.72
C ILE A 340 -10.01 0.82 -13.25
N ARG A 341 -8.79 0.50 -12.82
CA ARG A 341 -7.61 1.18 -13.35
C ARG A 341 -7.45 0.93 -14.85
N GLY A 342 -7.86 -0.24 -15.32
CA GLY A 342 -7.77 -0.52 -16.75
C GLY A 342 -8.73 0.33 -17.57
N TYR A 343 -9.94 0.54 -17.06
CA TYR A 343 -10.91 1.38 -17.75
C TYR A 343 -10.63 2.86 -17.57
N GLN A 344 -9.93 3.25 -16.51
CA GLN A 344 -9.53 4.65 -16.37
C GLN A 344 -8.42 4.99 -17.35
N THR A 345 -7.53 4.04 -17.62
CA THR A 345 -6.47 4.20 -18.61
C THR A 345 -6.91 3.81 -20.02
N LYS A 346 -8.19 3.44 -20.18
CA LYS A 346 -8.75 2.73 -21.33
C LYS A 346 -7.89 2.68 -22.59
N SER A 347 -7.47 3.85 -23.11
CA SER A 347 -6.79 3.88 -24.40
C SER A 347 -5.51 4.71 -24.35
N TYR A 348 -4.83 4.74 -23.21
CA TYR A 348 -3.49 5.34 -23.15
C TYR A 348 -2.73 4.55 -22.07
N ASN A 349 -2.06 3.49 -22.51
CA ASN A 349 -1.68 2.40 -21.63
C ASN A 349 -0.21 2.06 -21.76
N GLU A 350 0.30 1.42 -20.70
CA GLU A 350 1.57 0.71 -20.72
C GLU A 350 1.42 -0.53 -19.86
N PHE A 351 1.21 -0.33 -18.57
CA PHE A 351 0.91 -1.43 -17.66
C PHE A 351 -0.40 -2.11 -18.05
N ASP A 352 -0.38 -3.44 -18.15
CA ASP A 352 -1.58 -4.20 -18.51
C ASP A 352 -2.36 -4.50 -17.24
N PHE A 353 -3.27 -3.58 -16.89
CA PHE A 353 -4.09 -3.76 -15.70
C PHE A 353 -5.03 -4.95 -15.84
N PHE A 354 -5.48 -5.25 -17.06
CA PHE A 354 -6.42 -6.34 -17.25
C PHE A 354 -5.74 -7.69 -17.10
N LEU A 355 -4.49 -7.81 -17.59
CA LEU A 355 -3.74 -9.04 -17.36
C LEU A 355 -3.39 -9.19 -15.88
N TYR A 356 -3.01 -8.09 -15.23
CA TYR A 356 -2.78 -8.13 -13.79
C TYR A 356 -4.04 -8.56 -13.04
N ALA A 357 -5.20 -8.05 -13.45
CA ALA A 357 -6.44 -8.44 -12.82
C ALA A 357 -6.69 -9.94 -12.96
N LYS A 358 -6.38 -10.50 -14.13
CA LYS A 358 -6.52 -11.94 -14.30
C LYS A 358 -5.54 -12.72 -13.43
N GLU A 359 -4.30 -12.24 -13.34
CA GLU A 359 -3.33 -12.91 -12.48
C GLU A 359 -3.76 -12.89 -11.02
N ARG A 360 -4.42 -11.82 -10.59
CA ARG A 360 -4.93 -11.79 -9.21
C ARG A 360 -6.16 -12.68 -9.06
N LEU A 361 -7.00 -12.74 -10.09
CA LEU A 361 -8.14 -13.66 -10.04
C LEU A 361 -7.68 -15.11 -10.07
N LYS A 362 -6.62 -15.39 -10.84
CA LYS A 362 -6.04 -16.73 -10.84
C LYS A 362 -5.45 -17.07 -9.49
N MET A 363 -4.81 -16.09 -8.83
CA MET A 363 -4.32 -16.31 -7.48
C MET A 363 -5.46 -16.57 -6.50
N TYR A 364 -6.63 -15.99 -6.76
CA TYR A 364 -7.79 -16.25 -5.90
C TYR A 364 -8.27 -17.68 -6.05
N ASP A 365 -8.31 -18.18 -7.29
CA ASP A 365 -8.72 -19.57 -7.50
C ASP A 365 -7.75 -20.55 -6.86
N GLU A 366 -6.45 -20.26 -6.98
CA GLU A 366 -5.45 -21.16 -6.39
C GLU A 366 -5.46 -21.10 -4.87
N GLN A 367 -5.59 -19.89 -4.30
CA GLN A 367 -5.61 -19.77 -2.84
C GLN A 367 -6.87 -20.37 -2.26
N LYS A 368 -8.02 -20.17 -2.93
CA LYS A 368 -9.27 -20.73 -2.43
C LYS A 368 -9.24 -22.25 -2.46
N GLN A 369 -8.67 -22.83 -3.52
CA GLN A 369 -8.55 -24.28 -3.59
C GLN A 369 -7.56 -24.81 -2.56
N TYR A 370 -6.51 -24.05 -2.29
CA TYR A 370 -5.57 -24.45 -1.25
C TYR A 370 -6.21 -24.37 0.14
N LEU A 371 -7.05 -23.36 0.36
CA LEU A 371 -7.70 -23.22 1.66
C LEU A 371 -8.73 -24.32 1.89
N MET A 372 -9.49 -24.68 0.85
CA MET A 372 -10.44 -25.77 0.98
C MET A 372 -9.74 -27.12 1.13
N SER A 373 -8.59 -27.28 0.49
CA SER A 373 -7.83 -28.52 0.63
C SER A 373 -7.42 -28.76 2.09
N LYS A 374 -7.27 -27.68 2.86
CA LYS A 374 -6.97 -27.78 4.28
C LYS A 374 -8.20 -27.61 5.16
N ASN A 375 -9.39 -27.47 4.55
CA ASN A 375 -10.65 -27.32 5.28
C ASN A 375 -10.59 -26.14 6.26
N ILE A 376 -10.34 -24.96 5.69
CA ILE A 376 -10.23 -23.72 6.46
C ILE A 376 -11.43 -22.81 6.23
N ILE A 377 -11.83 -22.63 4.98
CA ILE A 377 -12.98 -21.79 4.66
C ILE A 377 -14.24 -22.64 4.64
N LYS A 378 -14.61 -23.16 5.82
CA LYS A 378 -15.81 -23.99 5.93
C LYS A 378 -17.06 -23.14 5.75
N ASP A 379 -18.09 -23.75 5.17
CA ASP A 379 -19.37 -23.11 4.86
C ASP A 379 -19.22 -21.94 3.89
N TYR A 380 -18.11 -21.91 3.15
CA TYR A 380 -17.89 -20.89 2.12
C TYR A 380 -18.86 -21.01 0.96
N ASP A 381 -19.58 -22.14 0.84
CA ASP A 381 -20.47 -22.40 -0.28
C ASP A 381 -19.72 -22.38 -1.62
N ASP A 382 -18.47 -22.83 -1.59
CA ASP A 382 -17.60 -22.85 -2.76
C ASP A 382 -17.54 -21.48 -3.43
MG MG B . -0.46 4.80 -4.06
MG MG C . 3.09 3.38 -3.99
PB ADP D . 1.70 5.82 -5.93
O1B ADP D . 2.05 5.99 -7.40
O2B ADP D . 0.27 6.15 -5.62
O3B ADP D . 2.14 4.50 -5.36
PA ADP D . 3.69 6.83 -4.09
O1A ADP D . 3.42 7.82 -2.98
O2A ADP D . 3.95 5.38 -3.78
O3A ADP D . 2.53 7.00 -5.20
O5' ADP D . 4.98 7.34 -4.92
C5' ADP D . 5.63 6.45 -5.82
C4' ADP D . 7.13 6.70 -5.87
O4' ADP D . 7.42 8.06 -5.53
C3' ADP D . 7.87 5.83 -4.87
O3' ADP D . 8.45 4.70 -5.53
C2' ADP D . 8.94 6.72 -4.27
O2' ADP D . 10.21 6.33 -4.79
C1' ADP D . 8.60 8.13 -4.71
N9 ADP D . 8.30 8.95 -3.51
C8 ADP D . 7.08 9.18 -3.01
N7 ADP D . 7.14 9.96 -1.90
C5 ADP D . 8.44 10.25 -1.69
C6 ADP D . 9.21 11.03 -0.68
N6 ADP D . 8.58 11.69 0.33
N1 ADP D . 10.55 11.08 -0.82
C2 ADP D . 11.18 10.44 -1.81
N3 ADP D . 10.55 9.71 -2.76
C4 ADP D . 9.21 9.58 -2.74
C1 EDO E . -1.04 -4.85 -4.52
O1 EDO E . -0.76 -6.17 -4.08
C2 EDO E . -1.36 -3.97 -3.31
O2 EDO E . -0.26 -4.01 -2.39
C1 EDO F . 7.13 3.91 9.46
O1 EDO F . 7.22 4.99 8.52
C2 EDO F . 8.06 4.17 10.64
O2 EDO F . 7.67 5.40 11.28
C1 EDO G . 0.63 -20.28 -1.43
O1 EDO G . -0.27 -19.70 -2.37
C2 EDO G . 0.01 -20.23 -0.04
O2 EDO G . 0.91 -20.82 0.91
#